data_6MCF
#
_entry.id   6MCF
#
loop_
_entity.id
_entity.type
_entity.pdbx_description
1 polymer '7SK Stem-loop 1 RNA'
2 polymer 'Protein Tat'
#
loop_
_entity_poly.entity_id
_entity_poly.type
_entity_poly.pdbx_seq_one_letter_code
_entity_poly.pdbx_strand_id
1 'polyribonucleotide' GGGAUCUGUCACCCCAUUGAUCGCCGAGAGGCUGAUCUGG(RY)UGG(RY)UAGGCGGGUCCC A
2 'polypeptide(L)' GISYGRKKRRQRRRAHQ B
#
loop_
_chem_comp.id
_chem_comp.type
_chem_comp.name
_chem_comp.formula
A RNA linking ADENOSINE-5'-MONOPHOSPHATE 'C10 H14 N5 O7 P'
C RNA linking CYTIDINE-5'-MONOPHOSPHATE 'C9 H14 N3 O8 P'
G RNA linking GUANOSINE-5'-MONOPHOSPHATE 'C10 H14 N5 O8 P'
RY RNA linking '5'-3,6-dihydrocytidylic acid' 'C9 H16 N3 O8 P'
U RNA linking URIDINE-5'-MONOPHOSPHATE 'C9 H13 N2 O9 P'
#
# COMPACT_ATOMS: atom_id res chain seq x y z
P RY A 41 9.35 -10.03 -5.34
C5' RY A 41 7.18 -9.99 -3.75
O5' RY A 41 7.92 -9.44 -4.85
C4' RY A 41 7.89 -9.88 -2.40
O4' RY A 41 7.89 -8.58 -1.85
C3' RY A 41 7.31 -10.82 -1.32
O3' RY A 41 8.18 -11.93 -1.16
C2' RY A 41 7.22 -9.91 -0.08
O2' RY A 41 7.62 -10.42 1.19
C1' RY A 41 8.15 -8.78 -0.48
N1 RY A 41 7.91 -7.59 0.35
C2 RY A 41 8.79 -7.31 1.40
O2 RY A 41 9.81 -7.96 1.62
N3 RY A 41 8.52 -6.30 2.22
C4 RY A 41 7.47 -5.57 2.10
N4 RY A 41 7.27 -4.60 2.95
C5 RY A 41 6.50 -5.83 1.10
C6 RY A 41 6.75 -6.86 0.24
OP1 RY A 41 9.48 -11.41 -4.79
OP2 RY A 41 9.44 -9.88 -6.81
H5'' RY A 41 6.22 -9.46 -3.67
H5' RY A 41 6.97 -11.04 -3.96
H4' RY A 41 8.92 -10.20 -2.56
H3' RY A 41 6.31 -11.15 -1.62
H2' RY A 41 6.19 -9.54 -0.01
HO2' RY A 41 7.63 -11.42 1.14
H1' RY A 41 9.19 -9.14 -0.35
H3 RY A 41 9.18 -6.17 2.96
H41 RY A 41 7.92 -4.38 3.70
H42 RY A 41 6.44 -4.06 2.84
H5 RY A 41 5.58 -5.27 1.01
H6 RY A 41 6.06 -7.10 -0.56
P RY A 45 12.44 -13.16 6.32
C5' RY A 45 9.87 -13.70 5.78
O5' RY A 45 11.03 -12.91 5.55
C4' RY A 45 9.16 -13.40 7.11
O4' RY A 45 8.61 -12.07 7.07
C3' RY A 45 8.01 -14.40 7.33
O3' RY A 45 8.07 -15.07 8.58
C2' RY A 45 6.78 -13.48 7.30
O2' RY A 45 5.70 -13.90 8.13
C1' RY A 45 7.37 -12.15 7.74
N1 RY A 45 6.45 -11.01 7.44
C2 RY A 45 6.01 -10.23 8.51
O2 RY A 45 6.49 -10.28 9.63
N3 RY A 45 5.01 -9.37 8.33
C4 RY A 45 4.43 -9.21 7.18
N4 RY A 45 3.45 -8.37 7.08
C5 RY A 45 4.88 -9.93 6.04
C6 RY A 45 5.89 -10.83 6.20
OP1 RY A 45 12.22 -14.13 7.42
OP2 RY A 45 13.46 -13.50 5.30
H5'' RY A 45 9.17 -13.54 4.97
H5' RY A 45 10.17 -14.76 5.76
H4' RY A 45 9.86 -13.49 7.94
H3' RY A 45 7.92 -15.11 6.51
H2' RY A 45 6.44 -13.41 6.26
HO2' RY A 45 6.10 -14.33 8.90
H1' RY A 45 7.55 -12.20 8.82
H3 RY A 45 4.70 -8.90 9.16
H41 RY A 45 3.07 -7.88 7.88
H42 RY A 45 2.98 -8.29 6.19
H5 RY A 45 4.43 -9.79 5.06
H6 RY A 45 6.28 -11.37 5.34
N GLY B 1 -10.51 0.57 -11.83
CA GLY B 1 -9.14 0.32 -12.30
C GLY B 1 -8.83 -1.17 -12.38
N ILE B 2 -7.85 -1.55 -13.20
CA ILE B 2 -7.42 -2.95 -13.41
C ILE B 2 -6.81 -3.57 -12.14
N SER B 3 -6.14 -2.77 -11.31
CA SER B 3 -5.50 -3.16 -10.04
C SER B 3 -5.45 -1.99 -9.04
N TYR B 4 -5.17 -2.29 -7.77
CA TYR B 4 -5.07 -1.32 -6.67
C TYR B 4 -4.15 -1.85 -5.54
N GLY B 5 -3.85 -1.00 -4.55
CA GLY B 5 -2.99 -1.29 -3.41
C GLY B 5 -2.91 -0.12 -2.41
N ARG B 6 -2.05 -0.25 -1.41
CA ARG B 6 -1.84 0.78 -0.35
C ARG B 6 -0.38 0.81 0.11
N LYS B 7 0.38 1.76 -0.42
CA LYS B 7 1.83 1.91 -0.22
C LYS B 7 2.20 3.40 -0.02
N LYS B 8 3.16 3.67 0.86
CA LYS B 8 3.65 5.01 1.21
C LYS B 8 5.17 4.97 1.43
N ARG B 9 5.91 5.54 0.48
CA ARG B 9 7.36 5.77 0.58
C ARG B 9 7.71 6.50 1.89
N ARG B 10 8.94 6.32 2.39
CA ARG B 10 9.45 6.88 3.66
C ARG B 10 8.72 6.37 4.93
N GLN B 11 7.71 5.48 4.83
CA GLN B 11 6.92 5.01 5.99
C GLN B 11 6.47 3.54 5.97
N ARG B 12 5.75 3.05 4.93
CA ARG B 12 5.11 1.71 4.95
C ARG B 12 4.81 1.09 3.56
N ARG B 13 4.91 -0.23 3.46
CA ARG B 13 4.61 -1.03 2.24
C ARG B 13 4.01 -2.42 2.51
N ARG B 14 4.40 -3.10 3.60
CA ARG B 14 3.76 -4.37 4.08
C ARG B 14 2.33 -4.17 4.62
N ALA B 15 1.84 -2.93 4.61
CA ALA B 15 0.44 -2.56 4.86
C ALA B 15 -0.56 -3.11 3.80
N HIS B 16 -0.06 -3.67 2.69
CA HIS B 16 -0.88 -4.16 1.55
C HIS B 16 -0.52 -5.59 1.11
N GLN B 17 0.76 -5.97 1.15
CA GLN B 17 1.29 -7.22 0.56
C GLN B 17 2.39 -7.87 1.41
P RY A 41 9.71 -9.86 -5.49
C5' RY A 41 7.40 -10.19 -4.15
O5' RY A 41 8.30 -9.35 -4.88
C4' RY A 41 7.86 -10.49 -2.71
O4' RY A 41 7.90 -9.29 -1.94
C3' RY A 41 6.90 -11.44 -1.94
O3' RY A 41 7.46 -12.72 -1.61
C2' RY A 41 6.63 -10.66 -0.63
O2' RY A 41 6.58 -11.45 0.54
C1' RY A 41 7.82 -9.69 -0.60
N1 RY A 41 7.68 -8.53 0.34
C2 RY A 41 8.56 -8.42 1.43
O2 RY A 41 9.39 -9.26 1.72
N3 RY A 41 8.47 -7.36 2.23
C4 RY A 41 7.59 -6.43 2.05
N4 RY A 41 7.60 -5.39 2.82
C5 RY A 41 6.64 -6.52 1.00
C6 RY A 41 6.72 -7.58 0.15
OP1 RY A 41 10.00 -11.24 -5.03
OP2 RY A 41 9.72 -9.62 -6.96
H5'' RY A 41 6.44 -9.70 -4.10
H5' RY A 41 7.27 -11.12 -4.70
H4' RY A 41 8.85 -10.96 -2.73
H3' RY A 41 5.96 -11.57 -2.48
H2' RY A 41 5.71 -10.08 -0.74
HO2' RY A 41 6.90 -12.33 0.29
H1' RY A 41 8.73 -10.27 -0.34
H3 RY A 41 9.16 -7.27 2.96
H41 RY A 41 8.23 -5.26 3.61
H42 RY A 41 6.93 -4.66 2.65
H5 RY A 41 5.89 -5.76 0.82
H6 RY A 41 6.05 -7.65 -0.71
P RY A 45 12.16 -13.48 7.31
C5' RY A 45 9.79 -14.64 7.58
O5' RY A 45 11.03 -14.26 8.16
C4' RY A 45 8.63 -14.27 8.49
O4' RY A 45 8.16 -12.95 8.19
C3' RY A 45 7.46 -15.24 8.34
O3' RY A 45 7.28 -16.05 9.49
C2' RY A 45 6.26 -14.29 8.11
O2' RY A 45 5.08 -14.67 8.79
C1' RY A 45 6.81 -12.96 8.63
N1 RY A 45 5.99 -11.81 8.19
C2 RY A 45 5.20 -11.18 9.15
O2 RY A 45 5.37 -11.34 10.36
N3 RY A 45 4.23 -10.35 8.79
C4 RY A 45 4.01 -10.05 7.56
N4 RY A 45 3.06 -9.19 7.29
C5 RY A 45 4.81 -10.60 6.51
C6 RY A 45 5.80 -11.48 6.86
OP1 RY A 45 13.48 -13.93 7.81
OP2 RY A 45 11.84 -13.62 5.88
H5'' RY A 45 9.63 -14.18 6.61
H5' RY A 45 9.82 -15.73 7.43
H4' RY A 45 8.97 -14.30 9.53
H3' RY A 45 7.57 -15.86 7.45
H2' RY A 45 6.08 -14.21 7.04
HO2' RY A 45 5.35 -15.22 9.56
H1' RY A 45 6.82 -13.00 9.72
H3 RY A 45 3.72 -9.95 9.55
H41 RY A 45 2.45 -8.79 8.00
H42 RY A 45 2.88 -9.00 6.29
H5 RY A 45 4.65 -10.34 5.48
H6 RY A 45 6.43 -11.91 6.08
N GLY B 1 -19.45 -2.63 1.49
CA GLY B 1 -18.71 -1.41 1.89
C GLY B 1 -17.53 -1.14 0.96
N ILE B 2 -16.52 -0.42 1.45
CA ILE B 2 -15.28 -0.08 0.74
C ILE B 2 -14.09 0.05 1.71
N SER B 3 -12.87 -0.14 1.20
CA SER B 3 -11.60 -0.06 1.96
C SER B 3 -10.50 0.61 1.13
N TYR B 4 -9.53 1.21 1.82
CA TYR B 4 -8.35 1.86 1.23
C TYR B 4 -7.11 1.59 2.11
N GLY B 5 -5.93 1.42 1.47
CA GLY B 5 -4.68 1.12 2.15
C GLY B 5 -3.86 2.36 2.56
N ARG B 6 -2.70 2.13 3.20
CA ARG B 6 -1.83 3.18 3.77
C ARG B 6 -0.33 3.09 3.39
N LYS B 7 0.06 2.19 2.48
CA LYS B 7 1.44 2.09 1.94
C LYS B 7 1.96 3.46 1.47
N LYS B 8 3.17 3.84 1.90
CA LYS B 8 3.86 5.09 1.47
C LYS B 8 5.37 5.03 1.67
N ARG B 9 6.10 5.77 0.83
CA ARG B 9 7.55 6.00 0.95
C ARG B 9 7.89 6.66 2.30
N ARG B 10 9.16 6.59 2.71
CA ARG B 10 9.73 7.19 3.94
C ARG B 10 9.10 6.69 5.27
N GLN B 11 8.15 5.75 5.27
CA GLN B 11 7.41 5.34 6.48
C GLN B 11 6.93 3.87 6.55
N ARG B 12 6.10 3.38 5.60
CA ARG B 12 5.38 2.09 5.78
C ARG B 12 5.07 1.29 4.50
N ARG B 13 5.17 -0.04 4.65
CA ARG B 13 4.86 -1.10 3.66
C ARG B 13 4.28 -2.34 4.39
N ARG B 14 3.98 -3.43 3.67
CA ARG B 14 3.21 -4.62 4.14
C ARG B 14 1.73 -4.33 4.40
N ALA B 15 1.17 -3.39 3.63
CA ALA B 15 -0.27 -3.12 3.56
C ALA B 15 -1.06 -4.21 2.80
N HIS B 16 -0.39 -5.27 2.35
CA HIS B 16 -0.91 -6.34 1.47
C HIS B 16 -0.30 -7.73 1.74
N GLN B 17 1.01 -7.79 2.03
CA GLN B 17 1.77 -9.01 2.35
C GLN B 17 2.94 -8.70 3.31
P RY A 41 10.05 -10.10 -5.80
C5' RY A 41 7.74 -10.64 -4.54
O5' RY A 41 8.55 -9.75 -5.29
C4' RY A 41 8.22 -10.92 -3.10
O4' RY A 41 8.24 -9.72 -2.34
C3' RY A 41 7.32 -11.91 -2.32
O3' RY A 41 7.94 -13.16 -2.00
C2' RY A 41 7.02 -11.14 -1.02
O2' RY A 41 7.02 -11.92 0.17
C1' RY A 41 8.17 -10.11 -0.99
N1 RY A 41 7.96 -8.96 -0.07
C2 RY A 41 8.76 -8.84 1.08
O2 RY A 41 9.57 -9.69 1.44
N3 RY A 41 8.64 -7.77 1.87
C4 RY A 41 7.75 -6.85 1.62
N4 RY A 41 7.68 -5.81 2.42
C5 RY A 41 6.87 -6.94 0.52
C6 RY A 41 7.01 -8.00 -0.32
OP1 RY A 41 10.36 -11.49 -5.44
OP2 RY A 41 10.14 -9.75 -7.25
H5'' RY A 41 6.73 -10.23 -4.47
H5' RY A 41 7.67 -11.58 -5.09
H4' RY A 41 9.22 -11.35 -3.14
H3' RY A 41 6.37 -12.08 -2.85
H2' RY A 41 6.08 -10.61 -1.12
HO2' RY A 41 7.37 -12.80 -0.08
H1' RY A 41 9.08 -10.64 -0.72
H3 RY A 41 9.27 -7.69 2.65
H41 RY A 41 8.28 -5.67 3.22
H42 RY A 41 6.97 -5.13 2.23
H5 RY A 41 6.11 -6.19 0.31
H6 RY A 41 6.40 -8.09 -1.20
P RY A 45 12.08 -13.73 6.96
C5' RY A 45 9.56 -14.35 6.35
O5' RY A 45 10.68 -13.49 6.16
C4' RY A 45 8.80 -14.01 7.64
O4' RY A 45 8.23 -12.71 7.53
C3' RY A 45 7.65 -15.04 7.86
O3' RY A 45 7.70 -15.64 9.15
C2' RY A 45 6.41 -14.14 7.72
O2' RY A 45 5.31 -14.56 8.53
C1' RY A 45 6.95 -12.78 8.15
N1 RY A 45 6.04 -11.68 7.75
C2 RY A 45 5.44 -10.93 8.77
O2 RY A 45 5.80 -11.00 9.94
N3 RY A 45 4.45 -10.10 8.49
C4 RY A 45 4.02 -9.91 7.28
N4 RY A 45 3.07 -9.06 7.08
C5 RY A 45 4.63 -10.60 6.18
C6 RY A 45 5.63 -11.48 6.45
OP1 RY A 45 11.83 -14.58 8.14
OP2 RY A 45 13.10 -14.16 5.99
H5'' RY A 45 8.88 -14.23 5.50
H5' RY A 45 9.89 -15.39 6.38
H4' RY A 45 9.47 -14.05 8.49
H3' RY A 45 7.63 -15.79 7.08
H2' RY A 45 6.12 -14.12 6.68
HO2' RY A 45 5.68 -14.99 9.32
H1' RY A 45 7.10 -12.79 9.24
H3 RY A 45 4.06 -9.63 9.28
H41 RY A 45 2.60 -8.56 7.84
H42 RY A 45 2.73 -8.93 6.14
H5 RY A 45 4.31 -10.46 5.16
H6 RY A 45 6.13 -12.01 5.64
N GLY B 1 -10.56 7.44 -11.01
CA GLY B 1 -10.02 6.11 -10.62
C GLY B 1 -11.07 5.27 -9.90
N ILE B 2 -10.80 3.96 -9.77
CA ILE B 2 -11.72 2.96 -9.17
C ILE B 2 -11.06 2.07 -8.09
N SER B 3 -9.81 2.32 -7.74
CA SER B 3 -9.00 1.51 -6.80
C SER B 3 -8.10 2.40 -5.93
N TYR B 4 -7.76 1.90 -4.73
CA TYR B 4 -6.99 2.60 -3.69
C TYR B 4 -6.06 1.63 -2.94
N GLY B 5 -5.21 2.17 -2.07
CA GLY B 5 -4.21 1.42 -1.30
C GLY B 5 -3.85 2.08 0.04
N ARG B 6 -2.65 1.77 0.53
CA ARG B 6 -2.10 2.26 1.82
C ARG B 6 -0.61 2.66 1.76
N LYS B 7 0.17 2.12 0.82
CA LYS B 7 1.63 2.31 0.77
C LYS B 7 2.04 3.78 0.59
N LYS B 8 3.07 4.20 1.32
CA LYS B 8 3.78 5.48 1.16
C LYS B 8 5.28 5.29 1.35
N ARG B 9 6.07 6.08 0.62
CA ARG B 9 7.54 6.14 0.71
C ARG B 9 7.99 6.62 2.09
N ARG B 10 9.29 6.53 2.39
CA ARG B 10 9.93 7.00 3.65
C ARG B 10 9.30 6.38 4.92
N GLN B 11 8.53 5.29 4.80
CA GLN B 11 7.70 4.79 5.91
C GLN B 11 7.28 3.31 5.87
N ARG B 12 6.48 2.84 4.89
CA ARG B 12 5.83 1.51 4.96
C ARG B 12 5.78 0.68 3.67
N ARG B 13 5.53 -0.62 3.87
CA ARG B 13 5.22 -1.69 2.88
C ARG B 13 4.63 -2.89 3.64
N ARG B 14 4.39 -4.05 3.00
CA ARG B 14 3.87 -5.30 3.63
C ARG B 14 2.49 -5.14 4.29
N ALA B 15 1.76 -4.10 3.88
CA ALA B 15 0.41 -3.73 4.28
C ALA B 15 -0.53 -3.49 3.06
N HIS B 16 0.01 -3.68 1.85
CA HIS B 16 -0.67 -3.59 0.55
C HIS B 16 -0.28 -4.77 -0.38
N GLN B 17 0.39 -5.79 0.21
CA GLN B 17 0.80 -7.08 -0.36
C GLN B 17 1.03 -8.07 0.78
P RY A 41 9.64 -9.93 -5.72
C5' RY A 41 7.45 -10.31 -4.20
O5' RY A 41 8.25 -9.45 -5.03
C4' RY A 41 8.01 -10.54 -2.79
O4' RY A 41 8.01 -9.31 -2.05
C3' RY A 41 7.22 -11.56 -1.94
O3' RY A 41 7.94 -12.75 -1.61
C2' RY A 41 6.95 -10.75 -0.64
O2' RY A 41 7.02 -11.50 0.56
C1' RY A 41 8.03 -9.68 -0.69
N1 RY A 41 7.82 -8.52 0.23
C2 RY A 41 8.69 -8.32 1.31
O2 RY A 41 9.61 -9.08 1.59
N3 RY A 41 8.52 -7.28 2.12
C4 RY A 41 7.55 -6.44 1.95
N4 RY A 41 7.45 -5.41 2.75
C5 RY A 41 6.59 -6.62 0.92
C6 RY A 41 6.76 -7.67 0.06
OP1 RY A 41 9.99 -11.29 -5.24
OP2 RY A 41 9.54 -9.73 -7.19
H5'' RY A 41 6.46 -9.86 -4.10
H5' RY A 41 7.33 -11.27 -4.71
H4' RY A 41 9.03 -10.92 -2.88
H3' RY A 41 6.27 -11.80 -2.41
H2' RY A 41 5.97 -10.27 -0.73
HO2' RY A 41 7.41 -12.37 0.33
H1' RY A 41 9.00 -10.16 -0.47
H3 RY A 41 9.19 -7.15 2.85
H41 RY A 41 8.09 -5.21 3.53
H42 RY A 41 6.71 -4.77 2.57
H5 RY A 41 5.77 -5.94 0.77
H6 RY A 41 6.08 -7.81 -0.77
P RY A 45 12.12 -13.64 6.65
C5' RY A 45 9.55 -14.16 6.19
O5' RY A 45 10.69 -13.37 5.92
C4' RY A 45 8.88 -13.79 7.54
O4' RY A 45 8.35 -12.46 7.48
C3' RY A 45 7.73 -14.76 7.84
O3' RY A 45 7.84 -15.39 9.11
C2' RY A 45 6.50 -13.83 7.81
O2' RY A 45 5.46 -14.19 8.70
C1' RY A 45 7.13 -12.49 8.19
N1 RY A 45 6.23 -11.34 7.85
C2 RY A 45 5.76 -10.56 8.91
O2 RY A 45 6.18 -10.64 10.05
N3 RY A 45 4.80 -9.67 8.68
C4 RY A 45 4.30 -9.48 7.50
N4 RY A 45 3.36 -8.58 7.37
C5 RY A 45 4.76 -10.21 6.38
C6 RY A 45 5.72 -11.15 6.59
OP1 RY A 45 11.93 -14.60 7.75
OP2 RY A 45 13.12 -13.96 5.61
H5'' RY A 45 8.81 -13.99 5.40
H5' RY A 45 9.82 -15.21 6.20
H4' RY A 45 9.61 -13.86 8.34
H3' RY A 45 7.60 -15.50 7.05
H2' RY A 45 6.13 -13.79 6.79
HO2' RY A 45 5.88 -14.59 9.49
H1' RY A 45 7.35 -12.50 9.26
H3 RY A 45 4.46 -9.19 9.49
H41 RY A 45 2.92 -8.11 8.17
H42 RY A 45 2.93 -8.47 6.46
H5 RY A 45 4.37 -10.06 5.39
H6 RY A 45 6.12 -11.72 5.75
N GLY B 1 -4.32 -7.74 -17.36
CA GLY B 1 -4.86 -7.92 -16.00
C GLY B 1 -5.08 -6.60 -15.29
N ILE B 2 -5.65 -6.63 -14.08
CA ILE B 2 -5.94 -5.47 -13.21
C ILE B 2 -5.54 -5.82 -11.76
N SER B 3 -4.98 -4.85 -11.04
CA SER B 3 -4.53 -4.97 -9.64
C SER B 3 -4.68 -3.64 -8.87
N TYR B 4 -4.56 -3.70 -7.54
CA TYR B 4 -4.80 -2.59 -6.61
C TYR B 4 -3.79 -2.58 -5.45
N GLY B 5 -3.83 -1.52 -4.63
CA GLY B 5 -2.96 -1.33 -3.46
C GLY B 5 -3.07 0.08 -2.86
N ARG B 6 -2.27 0.35 -1.83
CA ARG B 6 -2.07 1.67 -1.19
C ARG B 6 -0.61 1.80 -0.75
N LYS B 7 0.06 2.93 -1.01
CA LYS B 7 1.50 3.11 -0.73
C LYS B 7 1.89 4.54 -0.33
N LYS B 8 2.97 4.62 0.45
CA LYS B 8 3.64 5.85 0.92
C LYS B 8 5.14 5.57 1.06
N ARG B 9 6.00 6.44 0.53
CA ARG B 9 7.47 6.27 0.64
C ARG B 9 7.96 6.51 2.08
N ARG B 10 9.22 6.16 2.37
CA ARG B 10 10.00 6.50 3.59
C ARG B 10 9.25 6.31 4.94
N GLN B 11 8.31 5.35 5.02
CA GLN B 11 7.51 5.10 6.23
C GLN B 11 6.88 3.70 6.33
N ARG B 12 6.09 3.23 5.33
CA ARG B 12 5.29 2.00 5.45
C ARG B 12 5.02 1.30 4.10
N ARG B 13 4.97 -0.04 4.10
CA ARG B 13 4.64 -0.90 2.94
C ARG B 13 3.90 -2.18 3.32
N ARG B 14 4.54 -3.12 4.03
CA ARG B 14 3.98 -4.46 4.39
C ARG B 14 2.67 -4.46 5.22
N ALA B 15 2.24 -3.28 5.69
CA ALA B 15 1.00 -3.04 6.44
C ALA B 15 0.06 -2.02 5.76
N HIS B 16 0.27 -1.73 4.47
CA HIS B 16 -0.49 -0.75 3.68
C HIS B 16 -0.69 -1.21 2.21
N GLN B 17 0.35 -1.82 1.61
CA GLN B 17 0.38 -2.44 0.27
C GLN B 17 -0.79 -3.43 0.05
P RY A 41 10.11 -9.89 -6.15
C5' RY A 41 7.87 -9.54 -4.68
O5' RY A 41 8.50 -9.96 -5.89
C4' RY A 41 8.32 -10.23 -3.38
O4' RY A 41 8.52 -9.19 -2.40
C3' RY A 41 7.32 -11.26 -2.79
O3' RY A 41 7.93 -12.50 -2.47
C2' RY A 41 6.89 -10.56 -1.49
O2' RY A 41 6.57 -11.45 -0.43
C1' RY A 41 8.11 -9.70 -1.15
N1 RY A 41 7.84 -8.62 -0.16
C2 RY A 41 8.69 -8.47 0.95
O2 RY A 41 9.60 -9.23 1.22
N3 RY A 41 8.48 -7.45 1.79
C4 RY A 41 7.50 -6.62 1.65
N4 RY A 41 7.37 -5.63 2.49
C5 RY A 41 6.56 -6.77 0.59
C6 RY A 41 6.76 -7.77 -0.30
OP1 RY A 41 10.63 -11.26 -5.88
OP2 RY A 41 10.31 -9.39 -7.52
H5'' RY A 41 8.03 -8.47 -4.57
H5' RY A 41 6.79 -9.69 -4.79
H4' RY A 41 9.26 -10.73 -3.56
H3' RY A 41 6.45 -11.40 -3.45
H2' RY A 41 6.04 -9.92 -1.71
HO2' RY A 41 6.99 -12.30 -0.63
H1' RY A 41 8.90 -10.38 -0.77
H3 RY A 41 9.13 -7.37 2.56
H41 RY A 41 8.01 -5.46 3.27
H42 RY A 41 6.59 -5.03 2.38
H5 RY A 41 5.73 -6.10 0.46
H6 RY A 41 6.11 -7.87 -1.15
P RY A 45 12.45 -13.52 6.87
C5' RY A 45 9.92 -14.14 7.14
O5' RY A 45 10.99 -13.26 7.44
C4' RY A 45 8.72 -13.69 7.95
O4' RY A 45 8.21 -12.45 7.47
C3' RY A 45 7.55 -14.71 7.95
O3' RY A 45 7.41 -15.39 9.19
C2' RY A 45 6.35 -13.78 7.70
O2' RY A 45 5.21 -14.07 8.51
C1' RY A 45 6.92 -12.41 8.02
N1 RY A 45 6.08 -11.27 7.56
C2 RY A 45 5.63 -10.39 8.54
O2 RY A 45 6.10 -10.34 9.67
N3 RY A 45 4.64 -9.54 8.26
C4 RY A 45 4.09 -9.50 7.09
N4 RY A 45 3.11 -8.64 6.90
C5 RY A 45 4.56 -10.31 6.02
C6 RY A 45 5.56 -11.20 6.28
OP1 RY A 45 13.09 -14.57 7.68
OP2 RY A 45 12.35 -13.70 5.40
H5'' RY A 45 9.69 -14.11 6.08
H5' RY A 45 10.20 -15.15 7.42
H4' RY A 45 9.03 -13.55 8.99
H3' RY A 45 7.64 -15.41 7.12
H2' RY A 45 6.08 -13.83 6.64
HO2' RY A 45 5.52 -14.59 9.27
H1' RY A 45 7.04 -12.34 9.11
H3 RY A 45 4.33 -9.00 9.04
H41 RY A 45 2.72 -8.09 7.65
H42 RY A 45 2.66 -8.63 6.00
H5 RY A 45 4.14 -10.25 5.02
H6 RY A 45 5.98 -11.80 5.48
N GLY B 1 -7.42 -2.36 -13.81
CA GLY B 1 -6.82 -3.61 -13.29
C GLY B 1 -7.82 -4.42 -12.48
N ILE B 2 -7.32 -5.39 -11.69
CA ILE B 2 -8.13 -6.33 -10.87
C ILE B 2 -7.67 -6.43 -9.40
N SER B 3 -6.59 -5.72 -9.03
CA SER B 3 -6.02 -5.62 -7.69
C SER B 3 -5.33 -4.26 -7.50
N TYR B 4 -5.32 -3.74 -6.27
CA TYR B 4 -4.90 -2.36 -5.96
C TYR B 4 -4.29 -2.26 -4.55
N GLY B 5 -3.36 -1.32 -4.36
CA GLY B 5 -2.62 -1.14 -3.12
C GLY B 5 -2.97 0.14 -2.34
N ARG B 6 -2.24 0.34 -1.24
CA ARG B 6 -2.30 1.53 -0.38
C ARG B 6 -0.95 1.72 0.32
N LYS B 7 -0.09 2.53 -0.28
CA LYS B 7 1.34 2.67 0.08
C LYS B 7 1.83 4.11 -0.05
N LYS B 8 2.86 4.47 0.73
CA LYS B 8 3.61 5.74 0.67
C LYS B 8 5.12 5.50 0.77
N ARG B 9 5.91 6.39 0.16
CA ARG B 9 7.40 6.36 0.21
C ARG B 9 7.91 6.68 1.62
N ARG B 10 9.17 6.36 1.90
CA ARG B 10 9.92 6.69 3.16
C ARG B 10 9.10 6.45 4.45
N GLN B 11 8.23 5.44 4.43
CA GLN B 11 7.28 5.15 5.50
C GLN B 11 6.78 3.68 5.53
N ARG B 12 6.20 3.13 4.45
CA ARG B 12 5.54 1.79 4.53
C ARG B 12 5.53 0.95 3.25
N ARG B 13 5.30 -0.36 3.48
CA ARG B 13 5.01 -1.48 2.56
C ARG B 13 4.44 -2.64 3.39
N ARG B 14 4.08 -3.79 2.80
CA ARG B 14 3.33 -4.89 3.47
C ARG B 14 1.96 -4.46 4.04
N ALA B 15 1.47 -3.28 3.62
CA ALA B 15 0.21 -2.69 4.05
C ALA B 15 -1.02 -3.22 3.28
N HIS B 16 -0.80 -3.83 2.10
CA HIS B 16 -1.85 -4.36 1.21
C HIS B 16 -1.51 -5.74 0.60
N GLN B 17 -0.32 -6.29 0.91
CA GLN B 17 0.26 -7.49 0.28
C GLN B 17 1.07 -8.32 1.29
P RY A 41 9.69 -9.90 -6.23
C5' RY A 41 7.57 -10.56 -4.72
O5' RY A 41 8.30 -9.58 -5.46
C4' RY A 41 8.16 -10.90 -3.33
O4' RY A 41 8.17 -9.74 -2.51
C3' RY A 41 7.31 -11.96 -2.58
O3' RY A 41 7.97 -13.21 -2.34
C2' RY A 41 7.03 -11.26 -1.23
O2' RY A 41 7.10 -12.11 -0.09
C1' RY A 41 8.13 -10.19 -1.17
N1 RY A 41 7.83 -9.08 -0.21
C2 RY A 41 8.67 -8.88 0.90
O2 RY A 41 9.64 -9.58 1.15
N3 RY A 41 8.41 -7.88 1.74
C4 RY A 41 7.42 -7.07 1.57
N4 RY A 41 7.26 -6.05 2.38
C5 RY A 41 6.50 -7.25 0.50
C6 RY A 41 6.74 -8.26 -0.38
OP1 RY A 41 10.15 -11.27 -5.86
OP2 RY A 41 9.54 -9.61 -7.67
H5'' RY A 41 6.55 -10.19 -4.56
H5' RY A 41 7.49 -11.47 -5.32
H4' RY A 41 9.17 -11.28 -3.45
H3' RY A 41 6.36 -12.12 -3.09
H2' RY A 41 6.06 -10.78 -1.28
HO2' RY A 41 7.46 -12.97 -0.40
H1' RY A 41 9.08 -10.67 -0.92
H3 RY A 41 9.07 -7.71 2.48
H41 RY A 41 7.85 -5.87 3.19
H42 RY A 41 6.51 -5.42 2.18
H5 RY A 41 5.67 -6.59 0.33
H6 RY A 41 6.10 -8.39 -1.25
P RY A 45 12.15 -14.04 6.98
C5' RY A 45 9.88 -15.30 7.54
O5' RY A 45 11.22 -15.00 7.88
C4' RY A 45 8.91 -14.60 8.50
O4' RY A 45 8.43 -13.35 7.99
C3' RY A 45 7.69 -15.47 8.86
O3' RY A 45 7.71 -15.90 10.22
C2' RY A 45 6.52 -14.49 8.62
O2' RY A 45 5.45 -14.59 9.55
C1' RY A 45 7.23 -13.13 8.70
N1 RY A 45 6.40 -12.00 8.20
C2 RY A 45 5.90 -11.10 9.14
O2 RY A 45 6.26 -11.06 10.30
N3 RY A 45 4.96 -10.22 8.76
C4 RY A 45 4.51 -10.15 7.56
N4 RY A 45 3.59 -9.26 7.29
C5 RY A 45 5.01 -11.01 6.55
C6 RY A 45 5.95 -11.93 6.89
OP1 RY A 45 13.56 -14.28 7.40
OP2 RY A 45 11.77 -14.24 5.57
H5'' RY A 45 9.64 -15.02 6.52
H5' RY A 45 9.74 -16.37 7.62
H4' RY A 45 9.43 -14.37 9.42
H3' RY A 45 7.58 -16.31 8.18
H2' RY A 45 6.14 -14.63 7.61
HO2' RY A 45 5.85 -14.92 10.39
H1' RY A 45 7.47 -12.96 9.76
H3 RY A 45 4.62 -9.65 9.51
H41 RY A 45 3.13 -8.71 8.02
H42 RY A 45 3.18 -9.27 6.38
H5 RY A 45 4.66 -10.96 5.53
H6 RY A 45 6.38 -12.58 6.14
N GLY B 1 -15.32 -2.83 -5.65
CA GLY B 1 -14.35 -3.52 -6.55
C GLY B 1 -13.83 -4.81 -5.92
N ILE B 2 -12.78 -5.38 -6.53
CA ILE B 2 -12.17 -6.68 -6.14
C ILE B 2 -10.63 -6.65 -6.06
N SER B 3 -10.01 -5.47 -6.20
CA SER B 3 -8.56 -5.24 -6.18
C SER B 3 -8.26 -3.81 -5.73
N TYR B 4 -7.30 -3.63 -4.82
CA TYR B 4 -7.01 -2.36 -4.13
C TYR B 4 -5.50 -2.15 -3.88
N GLY B 5 -5.13 -0.99 -3.34
CA GLY B 5 -3.77 -0.71 -2.90
C GLY B 5 -3.61 0.57 -2.07
N ARG B 6 -2.54 0.63 -1.26
CA ARG B 6 -2.19 1.71 -0.33
C ARG B 6 -0.66 1.79 -0.18
N LYS B 7 -0.07 2.96 -0.44
CA LYS B 7 1.39 3.20 -0.39
C LYS B 7 1.72 4.61 0.10
N LYS B 8 2.76 4.71 0.95
CA LYS B 8 3.35 5.98 1.41
C LYS B 8 4.86 5.81 1.49
N ARG B 9 5.61 6.44 0.58
CA ARG B 9 7.08 6.49 0.66
C ARG B 9 7.52 7.09 2.01
N ARG B 10 8.78 6.88 2.43
CA ARG B 10 9.32 7.33 3.74
C ARG B 10 8.53 6.81 4.97
N GLN B 11 7.56 5.88 4.81
CA GLN B 11 6.65 5.45 5.89
C GLN B 11 6.19 3.98 5.80
N ARG B 12 5.40 3.57 4.79
CA ARG B 12 4.78 2.23 4.74
C ARG B 12 4.58 1.62 3.34
N ARG B 13 4.71 0.30 3.32
CA ARG B 13 4.62 -0.65 2.19
C ARG B 13 4.23 -2.02 2.77
N ARG B 14 3.76 -2.98 1.94
CA ARG B 14 3.24 -4.32 2.30
C ARG B 14 1.74 -4.33 2.63
N ALA B 15 1.08 -3.17 2.68
CA ALA B 15 -0.37 -3.04 2.86
C ALA B 15 -1.18 -3.72 1.73
N HIS B 16 -0.58 -3.86 0.55
CA HIS B 16 -1.08 -4.68 -0.57
C HIS B 16 0.07 -5.33 -1.39
N GLN B 17 1.21 -4.65 -1.50
CA GLN B 17 2.40 -5.03 -2.26
C GLN B 17 3.68 -4.40 -1.68
P RY A 41 11.03 -9.67 -5.81
C5' RY A 41 8.81 -9.61 -4.28
O5' RY A 41 10.05 -10.21 -4.66
C4' RY A 41 8.48 -10.06 -2.83
O4' RY A 41 8.58 -8.96 -1.91
C3' RY A 41 7.13 -10.74 -2.58
O3' RY A 41 7.22 -12.14 -2.31
C2' RY A 41 6.65 -10.01 -1.30
O2' RY A 41 6.02 -10.85 -0.35
C1' RY A 41 7.94 -9.41 -0.73
N1 RY A 41 7.77 -8.33 0.29
C2 RY A 41 8.57 -8.31 1.44
O2 RY A 41 9.32 -9.23 1.76
N3 RY A 41 8.51 -7.28 2.29
C4 RY A 41 7.66 -6.32 2.12
N4 RY A 41 7.65 -5.32 2.96
C5 RY A 41 6.73 -6.33 1.05
C6 RY A 41 6.83 -7.33 0.13
OP1 RY A 41 12.05 -10.72 -6.02
OP2 RY A 41 10.25 -9.25 -7.00
H5'' RY A 41 8.88 -8.53 -4.32
H5' RY A 41 8.02 -9.93 -4.96
H4' RY A 41 9.24 -10.78 -2.55
H3' RY A 41 6.43 -10.54 -3.40
H2' RY A 41 5.97 -9.22 -1.60
HO2' RY A 41 6.15 -11.77 -0.64
H1' RY A 41 8.52 -10.22 -0.29
H3 RY A 41 9.16 -7.29 3.06
H41 RY A 41 8.29 -5.23 3.74
H42 RY A 41 6.99 -4.60 2.81
H5 RY A 41 5.99 -5.55 0.91
H6 RY A 41 6.17 -7.33 -0.72
P RY A 45 12.32 -13.62 7.31
C5' RY A 45 9.79 -14.28 7.32
O5' RY A 45 10.80 -13.40 7.76
C4' RY A 45 8.53 -13.95 8.10
O4' RY A 45 7.99 -12.68 7.71
C3' RY A 45 7.42 -15.00 7.93
O3' RY A 45 7.19 -15.74 9.14
C2' RY A 45 6.20 -14.12 7.62
O2' RY A 45 4.99 -14.54 8.24
C1' RY A 45 6.66 -12.77 8.17
N1 RY A 45 5.79 -11.62 7.77
C2 RY A 45 5.18 -10.92 8.81
O2 RY A 45 5.48 -11.09 9.99
N3 RY A 45 4.24 -10.03 8.54
C4 RY A 45 3.88 -9.75 7.34
N4 RY A 45 2.97 -8.83 7.17
C5 RY A 45 4.50 -10.39 6.22
C6 RY A 45 5.46 -11.32 6.47
OP1 RY A 45 12.92 -14.68 8.15
OP2 RY A 45 12.34 -13.77 5.83
H5'' RY A 45 9.61 -14.16 6.25
H5' RY A 45 10.09 -15.31 7.52
H4' RY A 45 8.77 -13.89 9.17
H3' RY A 45 7.61 -15.66 7.08
H2' RY A 45 6.07 -14.06 6.54
HO2' RY A 45 5.23 -15.12 8.99
H1' RY A 45 6.69 -12.83 9.25
H3 RY A 45 3.86 -9.57 9.36
H41 RY A 45 2.48 -8.38 7.95
H42 RY A 45 2.68 -8.62 6.23
H5 RY A 45 4.22 -10.16 5.20
H6 RY A 45 5.97 -11.82 5.65
N GLY B 1 -21.90 2.09 2.78
CA GLY B 1 -20.60 1.51 3.19
C GLY B 1 -19.43 2.39 2.77
N ILE B 2 -18.26 2.19 3.38
CA ILE B 2 -17.01 2.91 3.12
C ILE B 2 -15.79 2.02 3.39
N SER B 3 -14.66 2.29 2.72
CA SER B 3 -13.38 1.58 2.88
C SER B 3 -12.17 2.47 2.58
N TYR B 4 -10.99 2.07 3.05
CA TYR B 4 -9.71 2.77 2.91
C TYR B 4 -8.51 1.81 3.10
N GLY B 5 -7.29 2.28 2.82
CA GLY B 5 -6.04 1.57 3.04
C GLY B 5 -4.85 2.53 3.26
N ARG B 6 -3.72 2.03 3.77
CA ARG B 6 -2.51 2.84 4.08
C ARG B 6 -1.20 2.14 3.69
N LYS B 7 -0.46 2.75 2.76
CA LYS B 7 0.73 2.19 2.07
C LYS B 7 1.50 3.32 1.38
N LYS B 8 2.74 3.61 1.79
CA LYS B 8 3.58 4.69 1.22
C LYS B 8 5.06 4.65 1.66
N ARG B 9 5.89 5.27 0.82
CA ARG B 9 7.32 5.57 1.03
C ARG B 9 7.60 6.26 2.36
N ARG B 10 8.86 6.17 2.86
CA ARG B 10 9.38 6.77 4.10
C ARG B 10 8.69 6.30 5.40
N GLN B 11 7.68 5.43 5.35
CA GLN B 11 6.88 5.04 6.53
C GLN B 11 6.35 3.59 6.55
N ARG B 12 5.59 3.14 5.53
CA ARG B 12 4.84 1.86 5.62
C ARG B 12 4.65 1.09 4.31
N ARG B 13 5.10 -0.17 4.36
CA ARG B 13 4.93 -1.25 3.35
C ARG B 13 4.63 -2.57 4.11
N ARG B 14 4.33 -3.68 3.42
CA ARG B 14 3.89 -4.98 3.99
C ARG B 14 2.49 -4.95 4.65
N ALA B 15 1.88 -3.77 4.72
CA ALA B 15 0.48 -3.54 5.09
C ALA B 15 -0.51 -3.91 3.97
N HIS B 16 -0.02 -4.41 2.82
CA HIS B 16 -0.79 -4.68 1.60
C HIS B 16 -0.40 -6.00 0.89
N GLN B 17 0.68 -6.67 1.31
CA GLN B 17 1.33 -7.79 0.62
C GLN B 17 2.07 -8.69 1.62
P RY A 41 9.71 -9.94 -6.27
C5' RY A 41 7.58 -10.52 -4.69
O5' RY A 41 8.32 -9.59 -5.48
C4' RY A 41 8.08 -10.67 -3.24
O4' RY A 41 7.95 -9.44 -2.54
C3' RY A 41 7.26 -11.71 -2.40
O3' RY A 41 7.99 -12.85 -1.96
C2' RY A 41 6.86 -10.87 -1.16
O2' RY A 41 6.87 -11.57 0.07
C1' RY A 41 7.92 -9.77 -1.18
N1 RY A 41 7.63 -8.62 -0.28
C2 RY A 41 8.44 -8.41 0.85
O2 RY A 41 9.36 -9.14 1.18
N3 RY A 41 8.19 -7.38 1.65
C4 RY A 41 7.20 -6.57 1.47
N4 RY A 41 7.03 -5.59 2.30
C5 RY A 41 6.32 -6.75 0.38
C6 RY A 41 6.56 -7.77 -0.49
OP1 RY A 41 10.03 -11.35 -6.00
OP2 RY A 41 9.55 -9.57 -7.70
H5'' RY A 41 6.55 -10.19 -4.65
H5' RY A 41 7.59 -11.50 -5.18
H4' RY A 41 9.12 -10.99 -3.25
H3' RY A 41 6.35 -12.01 -2.93
H2' RY A 41 5.88 -10.43 -1.33
HO2' RY A 41 7.30 -12.43 -0.09
H1' RY A 41 8.88 -10.22 -0.90
H3 RY A 41 8.82 -7.27 2.43
H41 RY A 41 7.65 -5.40 3.09
H42 RY A 41 6.26 -4.97 2.14
H5 RY A 41 5.48 -6.09 0.19
H6 RY A 41 5.95 -7.91 -1.38
P RY A 45 12.13 -13.63 6.31
C5' RY A 45 9.55 -14.23 6.01
O5' RY A 45 10.68 -13.46 5.61
C4' RY A 45 8.95 -13.77 7.34
O4' RY A 45 8.35 -12.48 7.19
C3' RY A 45 7.86 -14.76 7.82
O3' RY A 45 8.08 -15.16 9.18
C2' RY A 45 6.60 -13.91 7.71
O2' RY A 45 5.57 -14.24 8.64
C1' RY A 45 7.16 -12.51 7.96
N1 RY A 45 6.19 -11.45 7.58
C2 RY A 45 5.72 -10.59 8.59
O2 RY A 45 6.23 -10.54 9.71
N3 RY A 45 4.71 -9.77 8.34
C4 RY A 45 4.12 -9.72 7.19
N4 RY A 45 3.13 -8.89 7.03
C5 RY A 45 4.57 -10.52 6.10
C6 RY A 45 5.61 -11.37 6.33
OP1 RY A 45 12.01 -14.55 7.45
OP2 RY A 45 13.12 -13.93 5.26
H5'' RY A 45 8.78 -14.15 5.24
H5' RY A 45 9.84 -15.28 6.08
H4' RY A 45 9.74 -13.72 8.09
H3' RY A 45 7.77 -15.62 7.15
H2' RY A 45 6.22 -13.98 6.69
HO2' RY A 45 6.03 -14.54 9.46
H1' RY A 45 7.41 -12.43 9.02
H3 RY A 45 4.41 -9.23 9.13
H41 RY A 45 2.76 -8.32 7.79
H42 RY A 45 2.65 -8.87 6.15
H5 RY A 45 4.13 -10.47 5.13
H6 RY A 45 6.02 -11.97 5.51
N GLY B 1 -7.21 -4.95 -10.84
CA GLY B 1 -8.55 -4.85 -11.47
C GLY B 1 -9.64 -5.25 -10.49
N ILE B 2 -10.68 -4.41 -10.36
CA ILE B 2 -11.73 -4.51 -9.32
C ILE B 2 -11.10 -4.62 -7.90
N SER B 3 -10.09 -3.79 -7.64
CA SER B 3 -9.24 -3.81 -6.45
C SER B 3 -8.70 -2.41 -6.08
N TYR B 4 -8.29 -2.25 -4.83
CA TYR B 4 -7.75 -1.02 -4.23
C TYR B 4 -6.94 -1.32 -2.96
N GLY B 5 -6.15 -0.36 -2.49
CA GLY B 5 -5.36 -0.45 -1.26
C GLY B 5 -4.40 0.72 -1.03
N ARG B 6 -3.54 0.63 -0.01
CA ARG B 6 -2.70 1.74 0.51
C ARG B 6 -1.23 1.36 0.66
N LYS B 7 -0.32 2.25 0.26
CA LYS B 7 1.16 2.18 0.44
C LYS B 7 1.73 3.59 0.57
N LYS B 8 2.77 3.79 1.39
CA LYS B 8 3.53 5.06 1.47
C LYS B 8 5.02 4.83 1.72
N ARG B 9 5.85 5.54 0.94
CA ARG B 9 7.31 5.62 1.10
C ARG B 9 7.68 6.17 2.49
N ARG B 10 8.93 5.98 2.93
CA ARG B 10 9.46 6.45 4.24
C ARG B 10 8.66 5.94 5.47
N GLN B 11 7.76 4.96 5.31
CA GLN B 11 6.85 4.51 6.38
C GLN B 11 6.31 3.07 6.26
N ARG B 12 5.51 2.72 5.23
CA ARG B 12 4.73 1.46 5.21
C ARG B 12 4.51 0.81 3.84
N ARG B 13 4.72 -0.51 3.83
CA ARG B 13 4.46 -1.51 2.78
C ARG B 13 4.04 -2.83 3.48
N ARG B 14 3.84 -3.94 2.75
CA ARG B 14 3.29 -5.23 3.29
C ARG B 14 1.85 -5.06 3.84
N ALA B 15 1.08 -4.19 3.18
CA ALA B 15 -0.30 -3.81 3.50
C ALA B 15 -1.24 -3.75 2.27
N HIS B 16 -0.68 -3.87 1.06
CA HIS B 16 -1.35 -3.84 -0.25
C HIS B 16 -0.37 -4.40 -1.30
N GLN B 17 -0.87 -4.89 -2.44
CA GLN B 17 -0.09 -5.45 -3.55
C GLN B 17 -0.61 -4.89 -4.90
P RY A 41 12.03 -9.40 -5.13
C5' RY A 41 9.94 -9.29 -3.47
O5' RY A 41 11.34 -9.18 -3.69
C4' RY A 41 9.72 -9.55 -1.98
O4' RY A 41 9.91 -8.38 -1.18
C3' RY A 41 8.34 -10.15 -1.60
O3' RY A 41 8.64 -11.32 -0.87
C2' RY A 41 7.77 -9.02 -0.72
O2' RY A 41 6.76 -9.31 0.24
C1' RY A 41 9.07 -8.58 -0.06
N1 RY A 41 8.98 -7.39 0.82
C2 RY A 41 9.72 -7.37 2.00
O2 RY A 41 10.50 -8.26 2.31
N3 RY A 41 9.54 -6.38 2.88
C4 RY A 41 8.73 -5.39 2.66
N4 RY A 41 8.51 -4.50 3.56
C5 RY A 41 7.99 -5.34 1.46
C6 RY A 41 8.10 -6.37 0.58
OP1 RY A 41 13.10 -10.43 -5.02
OP2 RY A 41 11.02 -9.56 -6.19
H5'' RY A 41 9.43 -8.38 -3.79
H5' RY A 41 9.55 -10.14 -4.04
H4' RY A 41 10.47 -10.28 -1.67
H3' RY A 41 7.72 -10.33 -2.47
H2' RY A 41 7.41 -8.22 -1.39
HO2' RY A 41 6.81 -10.28 0.46
H1' RY A 41 9.45 -9.43 0.53
H3 RY A 41 10.05 -6.48 3.74
H41 RY A 41 8.88 -4.57 4.50
H42 RY A 41 7.88 -3.75 3.32
H5 RY A 41 7.35 -4.51 1.24
H6 RY A 41 7.54 -6.36 -0.34
P RY A 45 13.60 -13.42 7.47
C5' RY A 45 11.03 -13.33 6.81
O5' RY A 45 12.03 -13.45 7.81
C4' RY A 45 9.63 -13.37 7.43
O4' RY A 45 8.99 -12.10 7.39
C3' RY A 45 8.68 -14.38 6.75
O3' RY A 45 8.56 -15.60 7.47
C2' RY A 45 7.34 -13.62 6.76
O2' RY A 45 6.26 -14.36 7.32
C1' RY A 45 7.62 -12.38 7.60
N1 RY A 45 6.71 -11.23 7.33
C2 RY A 45 6.16 -10.56 8.44
O2 RY A 45 6.59 -10.70 9.58
N3 RY A 45 5.11 -9.76 8.28
C4 RY A 45 4.56 -9.56 7.13
N4 RY A 45 3.52 -8.79 7.05
C5 RY A 45 5.11 -10.15 5.95
C6 RY A 45 6.18 -10.97 6.09
OP1 RY A 45 14.31 -14.33 8.39
OP2 RY A 45 13.78 -13.64 6.01
H5'' RY A 45 11.16 -12.38 6.27
H5' RY A 45 11.15 -14.13 6.08
H4' RY A 45 9.72 -13.68 8.47
H3' RY A 45 8.97 -14.55 5.71
H2' RY A 45 7.11 -13.36 5.72
HO2' RY A 45 6.64 -15.19 7.67
H1' RY A 45 7.51 -12.67 8.65
H3 RY A 45 4.72 -9.40 9.13
H41 RY A 45 3.08 -8.36 7.87
H42 RY A 45 3.07 -8.68 6.15
H5 RY A 45 4.68 -9.97 4.97
H6 RY A 45 6.63 -11.41 5.20
N GLY B 1 -6.84 -9.02 -16.14
CA GLY B 1 -7.03 -8.85 -14.69
C GLY B 1 -6.66 -7.45 -14.22
N ILE B 2 -6.86 -7.18 -12.92
CA ILE B 2 -6.56 -5.89 -12.27
C ILE B 2 -6.19 -6.11 -10.79
N SER B 3 -5.46 -5.15 -10.19
CA SER B 3 -5.02 -5.16 -8.78
C SER B 3 -4.86 -3.72 -8.25
N TYR B 4 -4.68 -3.56 -6.94
CA TYR B 4 -4.51 -2.26 -6.26
C TYR B 4 -3.59 -2.35 -5.02
N GLY B 5 -3.47 -1.24 -4.29
CA GLY B 5 -2.57 -1.06 -3.14
C GLY B 5 -2.75 0.33 -2.52
N ARG B 6 -1.86 0.64 -1.56
CA ARG B 6 -1.91 1.83 -0.69
C ARG B 6 -0.51 2.28 -0.23
N LYS B 7 0.48 2.18 -1.14
CA LYS B 7 1.91 2.45 -0.88
C LYS B 7 2.19 3.91 -0.51
N LYS B 8 3.19 4.13 0.34
CA LYS B 8 3.73 5.44 0.75
C LYS B 8 5.26 5.36 0.89
N ARG B 9 5.99 6.11 0.05
CA ARG B 9 7.46 6.19 0.11
C ARG B 9 7.92 6.71 1.49
N ARG B 10 9.14 6.37 1.91
CA ARG B 10 9.74 6.74 3.22
C ARG B 10 8.77 6.51 4.43
N GLN B 11 7.91 5.49 4.32
CA GLN B 11 7.07 4.95 5.40
C GLN B 11 6.78 3.45 5.22
N ARG B 12 6.05 3.04 4.16
CA ARG B 12 5.55 1.66 4.01
C ARG B 12 5.17 1.26 2.57
N ARG B 13 5.54 0.04 2.21
CA ARG B 13 5.14 -0.72 1.01
C ARG B 13 5.33 -2.22 1.27
N ARG B 14 4.48 -3.08 0.69
CA ARG B 14 4.60 -4.56 0.60
C ARG B 14 3.71 -5.13 -0.51
N ALA B 15 3.73 -6.45 -0.71
CA ALA B 15 2.78 -7.13 -1.59
C ALA B 15 1.30 -6.87 -1.19
N HIS B 16 1.05 -6.54 0.08
CA HIS B 16 -0.28 -6.33 0.68
C HIS B 16 -0.48 -4.90 1.23
N GLN B 17 0.44 -3.97 0.91
CA GLN B 17 0.44 -2.56 1.27
C GLN B 17 0.91 -1.75 0.06
P RY A 41 9.63 -9.99 -5.94
C5' RY A 41 7.42 -10.37 -4.43
O5' RY A 41 8.24 -9.52 -5.24
C4' RY A 41 7.98 -10.63 -3.02
O4' RY A 41 7.99 -9.40 -2.27
C3' RY A 41 7.14 -11.63 -2.18
O3' RY A 41 7.82 -12.85 -1.86
C2' RY A 41 6.88 -10.83 -0.89
O2' RY A 41 6.94 -11.61 0.31
C1' RY A 41 7.99 -9.79 -0.91
N1 RY A 41 7.78 -8.64 0.03
C2 RY A 41 8.60 -8.52 1.16
O2 RY A 41 9.48 -9.31 1.45
N3 RY A 41 8.41 -7.50 2.00
C4 RY A 41 7.46 -6.64 1.82
N4 RY A 41 7.32 -5.65 2.67
C5 RY A 41 6.58 -6.73 0.73
C6 RY A 41 6.77 -7.74 -0.17
OP1 RY A 41 9.98 -11.35 -5.45
OP2 RY A 41 9.54 -9.82 -7.41
H5'' RY A 41 6.44 -9.92 -4.33
H5' RY A 41 7.30 -11.32 -4.95
H4' RY A 41 8.99 -11.01 -3.10
H3' RY A 41 6.19 -11.84 -2.68
H2' RY A 41 5.92 -10.33 -0.96
HO2' RY A 41 7.29 -12.49 0.06
H1' RY A 41 8.95 -10.29 -0.68
H3 RY A 41 9.04 -7.43 2.78
H41 RY A 41 7.93 -5.50 3.48
H42 RY A 41 6.58 -5.00 2.51
H5 RY A 41 5.77 -6.04 0.56
H6 RY A 41 6.14 -7.82 -1.05
P RY A 45 12.80 -13.57 6.98
C5' RY A 45 10.17 -13.52 6.99
O5' RY A 45 11.37 -13.87 7.65
C4' RY A 45 9.07 -13.35 8.03
O4' RY A 45 8.35 -12.14 7.78
C3' RY A 45 8.07 -14.53 8.10
O3' RY A 45 8.06 -15.14 9.40
C2' RY A 45 6.74 -13.81 7.86
O2' RY A 45 5.63 -14.35 8.57
C1' RY A 45 7.06 -12.38 8.31
N1 RY A 45 6.04 -11.38 7.89
C2 RY A 45 5.43 -10.61 8.87
O2 RY A 45 5.84 -10.56 10.03
N3 RY A 45 4.38 -9.86 8.57
C4 RY A 45 3.89 -9.81 7.38
N4 RY A 45 2.86 -9.02 7.16
C5 RY A 45 4.48 -10.53 6.31
C6 RY A 45 5.57 -11.31 6.59
OP1 RY A 45 13.80 -14.45 7.64
OP2 RY A 45 12.64 -13.64 5.51
H5'' RY A 45 10.31 -12.56 6.48
H5' RY A 45 9.91 -14.26 6.25
H4' RY A 45 9.53 -13.26 9.01
H3' RY A 45 8.23 -15.26 7.31
H2' RY A 45 6.53 -13.82 6.79
HO2' RY A 45 5.99 -14.76 9.39
H1' RY A 45 7.13 -12.38 9.41
H3 RY A 45 3.98 -9.37 9.35
H41 RY A 45 2.40 -8.50 7.90
H42 RY A 45 2.47 -9.00 6.23
H5 RY A 45 4.12 -10.46 5.29
H6 RY A 45 6.08 -11.84 5.79
N GLY B 1 -13.21 -0.05 -10.12
CA GLY B 1 -12.35 -1.23 -10.25
C GLY B 1 -12.84 -2.39 -9.38
N ILE B 2 -12.51 -3.63 -9.76
CA ILE B 2 -12.91 -4.86 -9.04
C ILE B 2 -12.32 -4.92 -7.61
N SER B 3 -11.09 -4.43 -7.44
CA SER B 3 -10.38 -4.34 -6.14
C SER B 3 -9.38 -3.16 -6.14
N TYR B 4 -8.86 -2.83 -4.95
CA TYR B 4 -7.93 -1.72 -4.71
C TYR B 4 -7.09 -1.93 -3.43
N GLY B 5 -6.06 -1.11 -3.24
CA GLY B 5 -5.20 -1.08 -2.05
C GLY B 5 -4.31 0.16 -1.98
N ARG B 6 -3.52 0.31 -0.91
CA ARG B 6 -2.75 1.53 -0.58
C ARG B 6 -1.34 1.25 -0.04
N LYS B 7 -0.43 2.23 -0.16
CA LYS B 7 0.99 2.14 0.21
C LYS B 7 1.58 3.54 0.46
N LYS B 8 2.65 3.66 1.26
CA LYS B 8 3.33 4.94 1.55
C LYS B 8 4.84 4.79 1.72
N ARG B 9 5.58 5.24 0.70
CA ARG B 9 7.04 5.42 0.73
C ARG B 9 7.48 6.27 1.93
N ARG B 10 8.72 6.12 2.39
CA ARG B 10 9.31 6.75 3.60
C ARG B 10 8.66 6.31 4.93
N GLN B 11 7.66 5.40 4.93
CA GLN B 11 6.94 5.01 6.16
C GLN B 11 6.47 3.53 6.23
N ARG B 12 5.64 3.04 5.29
CA ARG B 12 4.94 1.73 5.44
C ARG B 12 4.69 0.96 4.13
N ARG B 13 4.76 -0.37 4.25
CA ARG B 13 4.56 -1.41 3.22
C ARG B 13 4.10 -2.73 3.89
N ARG B 14 3.93 -3.82 3.12
CA ARG B 14 3.44 -5.15 3.56
C ARG B 14 1.94 -5.16 3.94
N ALA B 15 1.20 -4.31 3.23
CA ALA B 15 -0.27 -4.17 3.28
C ALA B 15 -0.92 -4.25 1.88
N HIS B 16 -0.10 -4.43 0.83
CA HIS B 16 -0.46 -4.33 -0.60
C HIS B 16 0.46 -5.17 -1.52
N GLN B 17 1.54 -5.73 -0.95
CA GLN B 17 2.57 -6.56 -1.59
C GLN B 17 3.08 -7.61 -0.57
#